data_2IRP
#
_entry.id   2IRP
#
_cell.length_a   102.500
_cell.length_b   102.500
_cell.length_c   116.045
_cell.angle_alpha   90.00
_cell.angle_beta   90.00
_cell.angle_gamma   90.00
#
_symmetry.space_group_name_H-M   'I 4'
#
loop_
_entity.id
_entity.type
_entity.pdbx_description
1 polymer 'Putative aldolase class 2 protein aq_1979'
2 non-polymer 'CHLORIDE ION'
3 non-polymer BETA-MERCAPTOETHANOL
4 water water
#
_entity_poly.entity_id   1
_entity_poly.type   'polypeptide(L)'
_entity_poly.pdbx_seq_one_letter_code
;(MSE)NVELFKKFSEKVEEIIEAGRILHSRGWVPATSGNISAKVSEEYIAITASGKHKGKLTPEDILLIDYEGRPVGGGK
PSAETLLHTTVYKLFPEVNAVVHTHSPNATVISIVEKKDFVELEDYELLKAFPDIHTHEVKIKIPIFPNEQNIPLLAKEV
ENYFKTSEDKYGFLIRGHGLYTWGRS(MSE)EEALIHTEALEFIFECELKLLSFHS
;
_entity_poly.pdbx_strand_id   A,B
#
loop_
_chem_comp.id
_chem_comp.type
_chem_comp.name
_chem_comp.formula
BME non-polymer BETA-MERCAPTOETHANOL 'C2 H6 O S'
CL non-polymer 'CHLORIDE ION' 'Cl -1'
#
# COMPACT_ATOMS: atom_id res chain seq x y z
N ASN A 2 -11.77 9.96 32.30
CA ASN A 2 -11.64 10.51 30.91
C ASN A 2 -10.18 10.62 30.46
N VAL A 3 -9.25 10.42 31.40
CA VAL A 3 -7.82 10.47 31.13
C VAL A 3 -7.31 11.91 30.95
N GLU A 4 -6.21 12.05 30.22
CA GLU A 4 -5.59 13.35 29.95
C GLU A 4 -5.80 13.80 28.50
N LEU A 5 -6.89 13.32 27.91
CA LEU A 5 -7.23 13.69 26.55
C LEU A 5 -7.37 15.21 26.50
N PHE A 6 -8.06 15.75 27.50
CA PHE A 6 -8.31 17.18 27.59
C PHE A 6 -7.00 17.96 27.47
N LYS A 7 -5.94 17.40 28.02
CA LYS A 7 -4.63 18.03 27.98
C LYS A 7 -4.12 18.03 26.54
N LYS A 8 -4.09 16.86 25.93
CA LYS A 8 -3.62 16.73 24.56
C LYS A 8 -4.52 17.48 23.56
N PHE A 9 -5.83 17.40 23.76
CA PHE A 9 -6.78 18.07 22.87
C PHE A 9 -6.51 19.57 22.82
N SER A 10 -6.38 20.16 24.00
CA SER A 10 -6.13 21.59 24.10
C SER A 10 -4.81 21.96 23.44
N GLU A 11 -3.81 21.06 23.51
CA GLU A 11 -2.53 21.34 22.90
C GLU A 11 -2.66 21.32 21.38
N LYS A 12 -3.50 20.44 20.87
CA LYS A 12 -3.71 20.35 19.45
C LYS A 12 -4.55 21.52 18.97
N VAL A 13 -5.42 22.00 19.84
CA VAL A 13 -6.24 23.15 19.50
C VAL A 13 -5.32 24.32 19.21
N GLU A 14 -4.38 24.55 20.13
CA GLU A 14 -3.47 25.66 19.99
C GLU A 14 -2.53 25.44 18.81
N GLU A 15 -2.20 24.18 18.56
CA GLU A 15 -1.33 23.83 17.46
C GLU A 15 -2.05 24.15 16.14
N ILE A 16 -3.30 23.71 16.03
CA ILE A 16 -4.07 23.94 14.83
C ILE A 16 -4.37 25.43 14.55
N ILE A 17 -4.77 26.20 15.57
CA ILE A 17 -5.03 27.62 15.41
C ILE A 17 -3.77 28.33 14.86
N GLU A 18 -2.61 27.93 15.36
CA GLU A 18 -1.36 28.53 14.92
C GLU A 18 -1.07 28.11 13.49
N ALA A 19 -1.28 26.84 13.17
CA ALA A 19 -1.03 26.37 11.83
C ALA A 19 -1.94 27.13 10.87
N GLY A 20 -3.16 27.38 11.29
CA GLY A 20 -4.10 28.12 10.48
C GLY A 20 -3.64 29.55 10.21
N ARG A 21 -3.07 30.23 11.21
CA ARG A 21 -2.62 31.60 10.99
C ARG A 21 -1.47 31.61 10.02
N ILE A 22 -0.64 30.57 10.09
CA ILE A 22 0.50 30.52 9.20
C ILE A 22 0.06 30.25 7.76
N LEU A 23 -0.85 29.30 7.59
CA LEU A 23 -1.34 28.96 6.26
C LEU A 23 -1.99 30.19 5.62
N HIS A 24 -2.84 30.87 6.37
CA HIS A 24 -3.52 32.05 5.87
C HIS A 24 -2.53 33.12 5.44
N SER A 25 -1.50 33.37 6.23
CA SER A 25 -0.52 34.38 5.85
C SER A 25 0.10 34.08 4.49
N ARG A 26 0.05 32.81 4.06
CA ARG A 26 0.61 32.43 2.76
C ARG A 26 -0.44 32.48 1.65
N GLY A 27 -1.69 32.74 2.02
CA GLY A 27 -2.73 32.78 1.01
C GLY A 27 -3.14 31.38 0.55
N TRP A 28 -2.94 30.37 1.41
CA TRP A 28 -3.29 28.99 1.07
C TRP A 28 -4.63 28.46 1.62
N VAL A 29 -5.32 29.26 2.46
CA VAL A 29 -6.61 28.83 3.00
C VAL A 29 -7.61 29.97 2.86
N PRO A 30 -7.84 30.44 1.63
CA PRO A 30 -8.81 31.54 1.50
C PRO A 30 -10.25 31.19 1.85
N ALA A 31 -10.91 32.18 2.43
CA ALA A 31 -12.32 32.15 2.76
C ALA A 31 -12.92 30.82 3.14
N THR A 32 -12.36 30.16 4.16
CA THR A 32 -12.89 28.90 4.66
C THR A 32 -12.38 27.65 3.96
N SER A 33 -11.77 27.79 2.80
CA SER A 33 -11.24 26.61 2.14
C SER A 33 -10.17 25.93 3.03
N GLY A 34 -9.72 24.76 2.62
CA GLY A 34 -8.71 24.04 3.39
C GLY A 34 -9.26 23.53 4.71
N ASN A 35 -8.43 22.78 5.44
CA ASN A 35 -8.80 22.23 6.74
C ASN A 35 -7.55 21.66 7.35
N ILE A 36 -7.53 21.60 8.67
CA ILE A 36 -6.39 21.10 9.40
C ILE A 36 -6.78 20.10 10.48
N SER A 37 -5.99 19.05 10.62
CA SER A 37 -6.26 18.04 11.63
C SER A 37 -4.98 17.64 12.38
N ALA A 38 -5.14 17.24 13.63
CA ALA A 38 -4.01 16.82 14.45
C ALA A 38 -4.44 15.63 15.31
N LYS A 39 -3.55 14.67 15.45
CA LYS A 39 -3.79 13.47 16.25
C LYS A 39 -3.85 13.78 17.73
N VAL A 40 -4.96 13.45 18.37
CA VAL A 40 -5.08 13.66 19.81
C VAL A 40 -4.61 12.40 20.53
N SER A 41 -5.04 11.25 20.04
CA SER A 41 -4.66 9.97 20.60
C SER A 41 -4.97 8.88 19.59
N GLU A 42 -4.61 7.64 19.89
CA GLU A 42 -4.85 6.54 18.97
C GLU A 42 -6.33 6.28 18.76
N GLU A 43 -7.17 7.04 19.47
CA GLU A 43 -8.61 6.90 19.34
C GLU A 43 -9.31 8.18 18.87
N TYR A 44 -8.65 9.33 19.00
CA TYR A 44 -9.27 10.57 18.57
C TYR A 44 -8.37 11.53 17.81
N ILE A 45 -9.00 12.29 16.92
CA ILE A 45 -8.31 13.30 16.09
C ILE A 45 -8.99 14.66 16.25
N ALA A 46 -8.21 15.72 16.19
CA ALA A 46 -8.78 17.06 16.30
C ALA A 46 -8.79 17.65 14.90
N ILE A 47 -9.94 18.14 14.46
CA ILE A 47 -10.02 18.68 13.13
C ILE A 47 -10.81 19.99 13.12
N THR A 48 -10.33 20.87 12.27
CA THR A 48 -10.89 22.18 12.09
C THR A 48 -12.29 22.07 11.47
N ALA A 49 -13.25 22.86 11.95
CA ALA A 49 -14.61 22.83 11.37
C ALA A 49 -14.52 23.35 9.93
N SER A 50 -15.15 22.64 9.01
CA SER A 50 -15.07 23.01 7.61
C SER A 50 -15.53 24.42 7.20
N GLY A 51 -16.56 24.95 7.83
CA GLY A 51 -17.02 26.27 7.44
C GLY A 51 -16.36 27.46 8.10
N LYS A 52 -15.32 27.22 8.89
CA LYS A 52 -14.63 28.32 9.56
C LYS A 52 -13.38 28.74 8.84
N HIS A 53 -13.06 30.00 8.93
CA HIS A 53 -11.86 30.50 8.27
C HIS A 53 -10.65 30.04 9.07
N LYS A 54 -9.80 29.25 8.43
CA LYS A 54 -8.61 28.71 9.06
C LYS A 54 -7.66 29.75 9.61
N GLY A 55 -7.79 30.99 9.14
CA GLY A 55 -6.94 32.07 9.62
C GLY A 55 -7.47 32.82 10.84
N LYS A 56 -8.60 32.41 11.40
CA LYS A 56 -9.18 33.07 12.57
C LYS A 56 -9.82 32.07 13.52
N LEU A 57 -9.19 30.92 13.67
CA LEU A 57 -9.72 29.89 14.53
C LEU A 57 -9.72 30.23 16.02
N THR A 58 -10.68 29.65 16.73
CA THR A 58 -10.82 29.80 18.17
C THR A 58 -11.19 28.40 18.60
N PRO A 59 -10.96 28.05 19.87
CA PRO A 59 -11.30 26.71 20.35
C PRO A 59 -12.64 26.16 19.90
N GLU A 60 -13.66 27.00 19.81
CA GLU A 60 -14.98 26.53 19.39
C GLU A 60 -15.03 26.00 17.96
N ASP A 61 -14.05 26.36 17.13
CA ASP A 61 -14.04 25.92 15.73
C ASP A 61 -13.35 24.59 15.52
N ILE A 62 -12.82 24.00 16.59
CA ILE A 62 -12.13 22.73 16.48
C ILE A 62 -12.99 21.57 16.94
N LEU A 63 -13.17 20.59 16.08
CA LEU A 63 -14.00 19.46 16.40
C LEU A 63 -13.17 18.23 16.72
N LEU A 64 -13.74 17.35 17.52
CA LEU A 64 -13.08 16.11 17.91
C LEU A 64 -13.81 14.94 17.24
N ILE A 65 -13.09 14.15 16.46
CA ILE A 65 -13.68 13.02 15.78
C ILE A 65 -12.95 11.74 16.11
N ASP A 66 -13.43 10.62 15.56
CA ASP A 66 -12.81 9.32 15.79
C ASP A 66 -12.10 8.89 14.51
N TYR A 67 -11.35 7.80 14.58
CA TYR A 67 -10.65 7.32 13.42
C TYR A 67 -11.58 6.86 12.31
N GLU A 68 -12.88 7.04 12.54
CA GLU A 68 -13.88 6.68 11.55
C GLU A 68 -14.46 7.95 10.94
N GLY A 69 -13.85 9.07 11.27
CA GLY A 69 -14.31 10.35 10.74
C GLY A 69 -15.57 10.83 11.42
N ARG A 70 -16.11 10.02 12.32
CA ARG A 70 -17.33 10.38 13.02
C ARG A 70 -17.08 11.31 14.19
N PRO A 71 -17.92 12.34 14.33
CA PRO A 71 -17.80 13.31 15.42
C PRO A 71 -18.17 12.67 16.74
N VAL A 72 -17.22 12.62 17.67
CA VAL A 72 -17.41 11.99 18.97
C VAL A 72 -18.77 12.22 19.62
N GLY A 73 -19.27 13.44 19.55
CA GLY A 73 -20.57 13.75 20.15
C GLY A 73 -21.71 13.18 19.34
N GLY A 74 -21.41 12.12 18.59
CA GLY A 74 -22.41 11.48 17.75
C GLY A 74 -22.66 12.27 16.49
N GLY A 75 -22.64 11.59 15.35
CA GLY A 75 -22.87 12.26 14.08
C GLY A 75 -22.45 11.42 12.90
N LYS A 76 -22.68 11.94 11.71
CA LYS A 76 -22.32 11.23 10.50
C LYS A 76 -21.07 11.85 9.88
N PRO A 77 -20.14 11.01 9.40
CA PRO A 77 -18.92 11.52 8.79
C PRO A 77 -19.15 12.40 7.56
N SER A 78 -18.14 13.21 7.25
CA SER A 78 -18.19 14.10 6.10
C SER A 78 -17.04 13.71 5.19
N ALA A 79 -17.02 14.30 4.01
CA ALA A 79 -15.97 14.01 3.05
C ALA A 79 -14.61 14.35 3.67
N GLU A 80 -14.47 15.59 4.16
CA GLU A 80 -13.21 16.02 4.76
C GLU A 80 -12.80 15.11 5.91
N THR A 81 -13.73 14.85 6.82
CA THR A 81 -13.43 14.00 7.97
C THR A 81 -13.03 12.58 7.54
N LEU A 82 -13.65 12.08 6.49
CA LEU A 82 -13.30 10.76 6.00
C LEU A 82 -11.89 10.77 5.39
N LEU A 83 -11.60 11.80 4.57
CA LEU A 83 -10.31 11.93 3.91
C LEU A 83 -9.12 12.03 4.87
N HIS A 84 -9.28 12.76 5.97
CA HIS A 84 -8.20 12.89 6.94
C HIS A 84 -7.93 11.56 7.63
N THR A 85 -8.98 10.95 8.19
CA THR A 85 -8.86 9.65 8.87
C THR A 85 -8.20 8.64 7.93
N THR A 86 -8.51 8.74 6.63
CA THR A 86 -7.91 7.87 5.63
C THR A 86 -6.40 8.04 5.69
N VAL A 87 -5.95 9.30 5.74
CA VAL A 87 -4.52 9.59 5.79
C VAL A 87 -3.91 9.02 7.05
N TYR A 88 -4.58 9.25 8.19
CA TYR A 88 -4.10 8.72 9.46
C TYR A 88 -3.97 7.21 9.44
N LYS A 89 -4.91 6.53 8.78
CA LYS A 89 -4.87 5.08 8.68
C LYS A 89 -3.77 4.59 7.76
N LEU A 90 -3.52 5.31 6.68
CA LEU A 90 -2.46 4.90 5.76
C LEU A 90 -1.07 5.02 6.38
N PHE A 91 -0.84 6.11 7.11
CA PHE A 91 0.46 6.38 7.73
C PHE A 91 0.34 6.53 9.25
N PRO A 92 0.62 5.44 9.99
CA PRO A 92 0.54 5.44 11.45
C PRO A 92 1.46 6.44 12.15
N GLU A 93 2.54 6.83 11.48
CA GLU A 93 3.48 7.80 12.05
C GLU A 93 2.96 9.23 11.95
N VAL A 94 2.04 9.48 11.02
CA VAL A 94 1.46 10.79 10.82
C VAL A 94 0.60 11.25 11.99
N ASN A 95 0.83 12.49 12.44
CA ASN A 95 0.08 13.07 13.55
C ASN A 95 -0.62 14.37 13.14
N ALA A 96 -0.44 14.76 11.88
CA ALA A 96 -1.05 15.99 11.42
C ALA A 96 -1.32 15.98 9.95
N VAL A 97 -2.49 16.47 9.58
CA VAL A 97 -2.89 16.53 8.18
C VAL A 97 -3.31 17.94 7.79
N VAL A 98 -2.78 18.40 6.67
CA VAL A 98 -3.09 19.73 6.23
C VAL A 98 -3.61 19.76 4.83
N HIS A 99 -4.78 20.37 4.69
CA HIS A 99 -5.42 20.53 3.41
C HIS A 99 -5.44 22.03 3.05
N THR A 100 -4.75 22.40 1.98
CA THR A 100 -4.72 23.78 1.53
C THR A 100 -5.50 23.91 0.24
N HIS A 101 -5.84 25.14 -0.11
CA HIS A 101 -6.63 25.41 -1.31
C HIS A 101 -6.12 26.70 -1.90
N SER A 102 -4.92 26.65 -2.44
CA SER A 102 -4.28 27.83 -3.02
C SER A 102 -4.70 28.11 -4.45
N PRO A 103 -4.50 29.35 -4.91
CA PRO A 103 -4.90 29.61 -6.30
C PRO A 103 -4.16 28.66 -7.26
N ASN A 104 -2.87 28.48 -7.01
CA ASN A 104 -2.08 27.61 -7.88
C ASN A 104 -2.58 26.17 -7.90
N ALA A 105 -2.93 25.63 -6.73
CA ALA A 105 -3.40 24.24 -6.65
C ALA A 105 -4.72 24.09 -7.41
N THR A 106 -5.61 25.03 -7.17
CA THR A 106 -6.89 25.01 -7.86
C THR A 106 -6.66 25.03 -9.37
N VAL A 107 -5.89 26.00 -9.84
CA VAL A 107 -5.58 26.11 -11.25
C VAL A 107 -4.95 24.84 -11.80
N ILE A 108 -3.92 24.33 -11.13
CA ILE A 108 -3.31 23.10 -11.59
C ILE A 108 -4.33 21.97 -11.70
N SER A 109 -5.28 21.94 -10.76
CA SER A 109 -6.33 20.93 -10.73
C SER A 109 -7.15 20.93 -12.00
N ILE A 110 -7.14 22.07 -12.68
CA ILE A 110 -7.93 22.24 -13.89
C ILE A 110 -7.18 22.13 -15.22
N VAL A 111 -5.91 22.50 -15.24
CA VAL A 111 -5.17 22.46 -16.49
C VAL A 111 -4.23 21.27 -16.69
N GLU A 112 -3.77 20.65 -15.61
CA GLU A 112 -2.85 19.53 -15.77
C GLU A 112 -3.57 18.37 -16.46
N LYS A 113 -3.04 17.93 -17.60
CA LYS A 113 -3.64 16.87 -18.36
C LYS A 113 -3.31 15.49 -17.81
N LYS A 114 -2.06 15.31 -17.37
CA LYS A 114 -1.63 14.05 -16.78
C LYS A 114 -2.30 13.90 -15.42
N ASP A 115 -2.27 12.71 -14.82
CA ASP A 115 -2.91 12.52 -13.52
C ASP A 115 -1.93 12.72 -12.34
N PHE A 116 -0.85 13.46 -12.59
CA PHE A 116 0.12 13.71 -11.55
C PHE A 116 1.00 14.88 -11.93
N VAL A 117 1.67 15.42 -10.93
CA VAL A 117 2.59 16.53 -11.12
C VAL A 117 3.92 15.99 -10.62
N GLU A 118 4.99 16.30 -11.35
CA GLU A 118 6.31 15.79 -11.00
C GLU A 118 7.33 16.90 -11.24
N LEU A 119 8.46 16.86 -10.54
CA LEU A 119 9.47 17.90 -10.71
C LEU A 119 10.94 17.49 -10.63
N GLU A 120 11.29 16.73 -9.61
CA GLU A 120 12.68 16.29 -9.42
C GLU A 120 13.47 17.49 -8.92
N ASP A 121 13.71 17.53 -7.62
CA ASP A 121 14.41 18.63 -7.00
C ASP A 121 15.16 18.09 -5.79
N TYR A 122 16.44 17.79 -5.96
CA TYR A 122 17.20 17.26 -4.85
C TYR A 122 16.98 18.21 -3.68
N GLU A 123 17.06 19.50 -3.99
CA GLU A 123 16.90 20.55 -3.01
C GLU A 123 15.66 20.35 -2.15
N LEU A 124 14.51 20.11 -2.79
CA LEU A 124 13.24 19.90 -2.09
C LEU A 124 13.12 18.55 -1.37
N LEU A 125 13.82 17.54 -1.88
CA LEU A 125 13.78 16.21 -1.26
C LEU A 125 14.19 16.23 0.20
N LYS A 126 15.09 17.15 0.56
CA LYS A 126 15.57 17.24 1.93
C LYS A 126 14.42 17.54 2.89
N ALA A 127 13.29 17.98 2.33
CA ALA A 127 12.11 18.30 3.14
C ALA A 127 11.35 17.01 3.51
N PHE A 128 11.68 15.92 2.83
CA PHE A 128 11.03 14.65 3.09
C PHE A 128 12.04 13.59 3.53
N PRO A 129 12.82 13.88 4.58
CA PRO A 129 13.80 12.90 5.06
C PRO A 129 13.20 11.53 5.36
N ASP A 130 11.88 11.51 5.45
CA ASP A 130 11.12 10.31 5.76
C ASP A 130 11.07 9.28 4.61
N ILE A 131 10.75 9.77 3.42
CA ILE A 131 10.59 8.95 2.24
C ILE A 131 11.83 8.43 1.51
N HIS A 132 11.89 7.11 1.34
CA HIS A 132 12.98 6.43 0.63
C HIS A 132 12.40 5.87 -0.67
N THR A 133 12.98 6.26 -1.81
CA THR A 133 12.48 5.75 -3.08
C THR A 133 13.61 5.60 -4.09
N HIS A 134 13.28 4.97 -5.22
CA HIS A 134 14.25 4.74 -6.29
C HIS A 134 14.23 5.90 -7.29
N GLU A 135 13.65 7.02 -6.88
CA GLU A 135 13.58 8.19 -7.75
C GLU A 135 14.00 9.50 -7.08
N VAL A 136 14.29 10.50 -7.91
CA VAL A 136 14.72 11.80 -7.40
C VAL A 136 13.69 12.87 -7.72
N LYS A 137 12.55 12.44 -8.24
CA LYS A 137 11.48 13.37 -8.58
C LYS A 137 10.38 13.34 -7.53
N ILE A 138 10.04 14.50 -7.00
CA ILE A 138 8.96 14.58 -6.03
C ILE A 138 7.73 14.43 -6.89
N LYS A 139 6.86 13.48 -6.55
CA LYS A 139 5.66 13.22 -7.35
C LYS A 139 4.38 13.50 -6.57
N ILE A 140 3.39 14.09 -7.22
CA ILE A 140 2.13 14.40 -6.56
C ILE A 140 0.97 13.88 -7.39
N PRO A 141 0.34 12.79 -6.93
CA PRO A 141 -0.80 12.22 -7.66
C PRO A 141 -2.04 13.10 -7.61
N ILE A 142 -2.75 13.14 -8.72
CA ILE A 142 -3.97 13.90 -8.84
C ILE A 142 -5.16 12.94 -8.93
N PHE A 143 -6.09 13.06 -8.00
CA PHE A 143 -7.28 12.23 -7.99
C PHE A 143 -8.45 13.05 -8.50
N PRO A 144 -9.41 12.39 -9.17
CA PRO A 144 -10.59 13.04 -9.73
C PRO A 144 -11.53 13.57 -8.66
N ASN A 145 -12.42 14.47 -9.07
CA ASN A 145 -13.39 15.08 -8.18
C ASN A 145 -14.50 14.06 -7.90
N GLU A 146 -14.10 12.87 -7.48
CA GLU A 146 -15.03 11.78 -7.20
C GLU A 146 -16.10 12.12 -6.17
N GLN A 147 -17.34 12.23 -6.63
CA GLN A 147 -18.45 12.53 -5.75
C GLN A 147 -18.63 11.35 -4.80
N ASN A 148 -18.26 10.16 -5.27
CA ASN A 148 -18.35 8.94 -4.48
C ASN A 148 -17.17 8.89 -3.52
N ILE A 149 -17.38 9.46 -2.34
CA ILE A 149 -16.34 9.54 -1.31
C ILE A 149 -15.58 8.25 -1.00
N PRO A 150 -16.29 7.16 -0.68
CA PRO A 150 -15.61 5.91 -0.37
C PRO A 150 -14.72 5.39 -1.51
N LEU A 151 -15.08 5.75 -2.73
CA LEU A 151 -14.30 5.33 -3.89
C LEU A 151 -13.06 6.22 -4.00
N LEU A 152 -13.23 7.50 -3.72
CA LEU A 152 -12.11 8.42 -3.78
C LEU A 152 -11.09 7.92 -2.77
N ALA A 153 -11.57 7.62 -1.57
CA ALA A 153 -10.74 7.12 -0.48
C ALA A 153 -10.03 5.86 -0.93
N LYS A 154 -10.78 5.00 -1.61
CA LYS A 154 -10.27 3.73 -2.13
C LYS A 154 -9.07 3.97 -3.03
N GLU A 155 -9.23 4.86 -3.99
CA GLU A 155 -8.17 5.18 -4.94
C GLU A 155 -6.92 5.75 -4.25
N VAL A 156 -7.14 6.59 -3.25
CA VAL A 156 -6.04 7.19 -2.51
C VAL A 156 -5.28 6.09 -1.77
N GLU A 157 -6.02 5.18 -1.15
CA GLU A 157 -5.42 4.07 -0.42
C GLU A 157 -4.62 3.19 -1.37
N ASN A 158 -5.23 2.84 -2.49
CA ASN A 158 -4.56 1.98 -3.46
C ASN A 158 -3.27 2.62 -3.91
N TYR A 159 -3.34 3.90 -4.26
CA TYR A 159 -2.15 4.61 -4.71
C TYR A 159 -1.01 4.53 -3.69
N PHE A 160 -1.26 5.06 -2.50
CA PHE A 160 -0.24 5.09 -1.46
C PHE A 160 0.17 3.75 -0.87
N LYS A 161 -0.70 2.75 -0.95
CA LYS A 161 -0.33 1.44 -0.44
C LYS A 161 0.68 0.81 -1.39
N THR A 162 0.58 1.16 -2.66
CA THR A 162 1.46 0.61 -3.68
C THR A 162 2.54 1.54 -4.21
N SER A 163 2.56 2.78 -3.74
CA SER A 163 3.56 3.73 -4.21
C SER A 163 4.64 4.04 -3.17
N GLU A 164 5.88 4.17 -3.64
CA GLU A 164 7.00 4.49 -2.76
C GLU A 164 6.90 5.95 -2.31
N ASP A 165 6.46 6.82 -3.21
CA ASP A 165 6.32 8.25 -2.90
C ASP A 165 5.11 8.53 -2.03
N LYS A 166 5.30 9.30 -0.96
CA LYS A 166 4.19 9.63 -0.07
C LYS A 166 4.30 11.09 0.37
N TYR A 167 4.41 11.95 -0.63
CA TYR A 167 4.54 13.39 -0.44
C TYR A 167 3.24 14.10 -0.14
N GLY A 168 2.21 13.75 -0.88
CA GLY A 168 0.90 14.35 -0.71
C GLY A 168 0.09 14.09 -1.96
N PHE A 169 -1.13 14.61 -2.02
CA PHE A 169 -1.93 14.41 -3.22
C PHE A 169 -2.87 15.56 -3.47
N LEU A 170 -3.37 15.61 -4.70
CA LEU A 170 -4.28 16.63 -5.14
C LEU A 170 -5.62 16.07 -5.57
N ILE A 171 -6.70 16.69 -5.12
CA ILE A 171 -8.02 16.27 -5.53
C ILE A 171 -8.54 17.45 -6.34
N ARG A 172 -8.69 17.25 -7.64
CA ARG A 172 -9.17 18.30 -8.56
C ARG A 172 -10.41 19.00 -8.03
N GLY A 173 -10.38 20.32 -8.04
CA GLY A 173 -11.51 21.08 -7.54
C GLY A 173 -11.69 21.07 -6.04
N HIS A 174 -10.76 20.46 -5.31
CA HIS A 174 -10.88 20.44 -3.85
C HIS A 174 -9.65 21.00 -3.13
N GLY A 175 -8.45 20.62 -3.60
CA GLY A 175 -7.23 21.13 -2.97
C GLY A 175 -6.12 20.14 -2.64
N LEU A 176 -4.98 20.67 -2.18
CA LEU A 176 -3.81 19.87 -1.83
C LEU A 176 -3.87 19.27 -0.44
N TYR A 177 -3.32 18.06 -0.30
CA TYR A 177 -3.27 17.36 0.99
C TYR A 177 -1.86 16.88 1.29
N THR A 178 -1.40 17.10 2.52
CA THR A 178 -0.09 16.64 2.95
C THR A 178 -0.21 16.27 4.42
N TRP A 179 0.86 15.75 4.99
CA TRP A 179 0.83 15.29 6.37
C TRP A 179 2.24 15.21 6.90
N GLY A 180 2.35 15.00 8.21
CA GLY A 180 3.66 14.88 8.81
C GLY A 180 3.60 14.26 10.18
N ARG A 181 4.76 13.86 10.69
CA ARG A 181 4.87 13.25 12.02
C ARG A 181 4.56 14.33 13.05
N SER A 182 4.64 15.60 12.61
CA SER A 182 4.33 16.77 13.45
C SER A 182 3.72 17.86 12.55
N MSE A 183 3.01 18.80 13.15
CA MSE A 183 2.39 19.89 12.35
C MSE A 183 3.49 20.64 11.58
O MSE A 183 3.32 21.05 10.43
CB MSE A 183 1.64 20.85 13.27
CG MSE A 183 0.99 22.00 12.55
SE MSE A 183 -0.43 21.23 11.41
CE MSE A 183 -1.69 20.74 12.86
N GLU A 184 4.64 20.79 12.22
CA GLU A 184 5.73 21.49 11.58
C GLU A 184 6.13 20.74 10.34
N GLU A 185 6.21 19.42 10.43
CA GLU A 185 6.61 18.64 9.27
C GLU A 185 5.56 18.74 8.16
N ALA A 186 4.29 18.73 8.53
CA ALA A 186 3.24 18.86 7.52
C ALA A 186 3.30 20.24 6.82
N LEU A 187 3.48 21.30 7.60
CA LEU A 187 3.54 22.63 7.01
C LEU A 187 4.71 22.72 6.05
N ILE A 188 5.84 22.14 6.44
CA ILE A 188 7.01 22.18 5.59
C ILE A 188 6.72 21.43 4.29
N HIS A 189 5.99 20.33 4.39
CA HIS A 189 5.68 19.58 3.19
C HIS A 189 4.75 20.38 2.31
N THR A 190 3.80 21.06 2.94
CA THR A 190 2.86 21.87 2.20
C THR A 190 3.60 22.92 1.39
N GLU A 191 4.55 23.58 2.03
CA GLU A 191 5.32 24.60 1.36
C GLU A 191 6.05 24.01 0.15
N ALA A 192 6.71 22.87 0.36
CA ALA A 192 7.46 22.21 -0.72
C ALA A 192 6.57 21.92 -1.92
N LEU A 193 5.38 21.41 -1.64
CA LEU A 193 4.46 21.07 -2.72
C LEU A 193 3.89 22.34 -3.36
N GLU A 194 3.52 23.32 -2.55
CA GLU A 194 3.01 24.57 -3.10
C GLU A 194 4.07 25.22 -4.00
N PHE A 195 5.34 25.00 -3.67
CA PHE A 195 6.44 25.54 -4.47
C PHE A 195 6.41 24.88 -5.85
N ILE A 196 6.27 23.56 -5.85
CA ILE A 196 6.25 22.83 -7.10
C ILE A 196 5.08 23.29 -7.96
N PHE A 197 3.93 23.56 -7.35
CA PHE A 197 2.79 23.98 -8.13
C PHE A 197 3.07 25.31 -8.81
N GLU A 198 3.87 26.14 -8.15
CA GLU A 198 4.23 27.44 -8.66
C GLU A 198 5.12 27.29 -9.88
N CYS A 199 6.16 26.48 -9.76
CA CYS A 199 7.05 26.27 -10.87
C CYS A 199 6.32 25.60 -12.02
N GLU A 200 5.55 24.56 -11.70
CA GLU A 200 4.82 23.81 -12.71
C GLU A 200 4.01 24.73 -13.62
N LEU A 201 3.22 25.60 -13.02
CA LEU A 201 2.41 26.51 -13.79
C LEU A 201 3.28 27.49 -14.55
N LYS A 202 4.10 28.24 -13.83
CA LYS A 202 4.98 29.22 -14.44
C LYS A 202 5.65 28.66 -15.67
N LEU A 203 5.96 27.37 -15.65
CA LEU A 203 6.57 26.72 -16.81
C LEU A 203 5.55 26.75 -17.93
N LEU A 204 4.34 26.29 -17.61
CA LEU A 204 3.25 26.23 -18.57
C LEU A 204 2.70 27.61 -18.92
N SER A 205 3.57 28.61 -18.87
CA SER A 205 3.22 29.98 -19.23
C SER A 205 4.19 30.29 -20.36
N PHE A 206 4.91 29.24 -20.74
CA PHE A 206 5.90 29.27 -21.80
C PHE A 206 6.06 27.81 -22.19
N HIS A 207 5.01 27.24 -22.78
CA HIS A 207 5.04 25.85 -23.20
C HIS A 207 3.69 25.46 -23.83
N ASN B 2 9.41 -8.34 -32.37
CA ASN B 2 8.35 -8.74 -31.40
C ASN B 2 8.64 -10.13 -30.83
N VAL B 3 9.65 -10.79 -31.39
CA VAL B 3 10.09 -12.12 -30.98
C VAL B 3 9.00 -13.13 -30.61
N GLU B 4 9.44 -14.29 -30.12
CA GLU B 4 8.54 -15.38 -29.75
C GLU B 4 8.01 -15.22 -28.34
N LEU B 5 7.91 -13.98 -27.89
CA LEU B 5 7.39 -13.68 -26.57
C LEU B 5 5.97 -14.25 -26.49
N PHE B 6 5.20 -14.08 -27.57
CA PHE B 6 3.83 -14.56 -27.63
C PHE B 6 3.69 -16.07 -27.42
N LYS B 7 4.65 -16.83 -27.94
CA LYS B 7 4.60 -18.27 -27.82
C LYS B 7 4.78 -18.63 -26.34
N LYS B 8 5.77 -18.01 -25.71
CA LYS B 8 6.06 -18.28 -24.32
C LYS B 8 4.90 -17.86 -23.44
N PHE B 9 4.28 -16.75 -23.79
CA PHE B 9 3.16 -16.24 -23.02
C PHE B 9 2.03 -17.26 -23.03
N SER B 10 1.70 -17.74 -24.23
CA SER B 10 0.63 -18.73 -24.40
C SER B 10 0.86 -19.98 -23.56
N GLU B 11 2.10 -20.43 -23.50
CA GLU B 11 2.43 -21.61 -22.74
C GLU B 11 2.17 -21.36 -21.27
N LYS B 12 2.60 -20.18 -20.81
CA LYS B 12 2.42 -19.82 -19.43
C LYS B 12 0.96 -19.64 -19.07
N VAL B 13 0.16 -19.14 -20.00
CA VAL B 13 -1.25 -18.98 -19.72
C VAL B 13 -1.82 -20.36 -19.41
N GLU B 14 -1.57 -21.32 -20.29
CA GLU B 14 -2.08 -22.67 -20.10
C GLU B 14 -1.59 -23.25 -18.78
N GLU B 15 -0.30 -23.03 -18.52
CA GLU B 15 0.31 -23.52 -17.30
C GLU B 15 -0.45 -22.93 -16.11
N ILE B 16 -0.67 -21.63 -16.15
CA ILE B 16 -1.35 -20.92 -15.07
C ILE B 16 -2.81 -21.36 -14.94
N ILE B 17 -3.54 -21.44 -16.05
CA ILE B 17 -4.95 -21.87 -15.98
C ILE B 17 -5.07 -23.23 -15.30
N GLU B 18 -4.12 -24.12 -15.57
CA GLU B 18 -4.13 -25.47 -15.00
C GLU B 18 -3.75 -25.46 -13.53
N ALA B 19 -2.83 -24.58 -13.17
CA ALA B 19 -2.41 -24.50 -11.79
C ALA B 19 -3.61 -24.07 -10.93
N GLY B 20 -4.38 -23.15 -11.47
CA GLY B 20 -5.55 -22.65 -10.78
C GLY B 20 -6.57 -23.72 -10.52
N ARG B 21 -6.85 -24.54 -11.52
CA ARG B 21 -7.86 -25.59 -11.36
C ARG B 21 -7.40 -26.55 -10.28
N ILE B 22 -6.10 -26.86 -10.32
CA ILE B 22 -5.53 -27.77 -9.34
C ILE B 22 -5.65 -27.19 -7.94
N LEU B 23 -5.27 -25.92 -7.80
CA LEU B 23 -5.34 -25.23 -6.51
C LEU B 23 -6.78 -25.18 -6.00
N HIS B 24 -7.71 -24.86 -6.89
CA HIS B 24 -9.10 -24.79 -6.50
C HIS B 24 -9.64 -26.16 -6.08
N SER B 25 -9.20 -27.22 -6.74
CA SER B 25 -9.67 -28.55 -6.36
C SER B 25 -9.24 -28.86 -4.94
N ARG B 26 -8.18 -28.21 -4.46
CA ARG B 26 -7.71 -28.42 -3.09
C ARG B 26 -8.43 -27.46 -2.14
N GLY B 27 -9.17 -26.50 -2.69
CA GLY B 27 -9.83 -25.53 -1.85
C GLY B 27 -8.84 -24.50 -1.30
N TRP B 28 -7.81 -24.17 -2.09
CA TRP B 28 -6.79 -23.21 -1.65
C TRP B 28 -6.88 -21.81 -2.28
N VAL B 29 -7.80 -21.61 -3.22
CA VAL B 29 -7.98 -20.30 -3.82
C VAL B 29 -9.48 -19.97 -3.89
N PRO B 30 -10.13 -19.91 -2.73
CA PRO B 30 -11.56 -19.61 -2.73
C PRO B 30 -11.95 -18.19 -3.11
N ALA B 31 -13.11 -18.10 -3.75
CA ALA B 31 -13.73 -16.83 -4.09
C ALA B 31 -12.79 -15.71 -4.51
N THR B 32 -11.95 -16.00 -5.50
CA THR B 32 -11.02 -15.04 -6.08
C THR B 32 -9.77 -14.72 -5.28
N SER B 33 -9.62 -15.30 -4.11
CA SER B 33 -8.41 -15.06 -3.32
C SER B 33 -7.22 -15.75 -4.00
N GLY B 34 -6.00 -15.37 -3.60
CA GLY B 34 -4.82 -15.97 -4.18
C GLY B 34 -4.49 -15.45 -5.56
N ASN B 35 -3.36 -15.89 -6.11
CA ASN B 35 -2.91 -15.48 -7.44
C ASN B 35 -1.74 -16.38 -7.86
N ILE B 36 -1.44 -16.39 -9.14
CA ILE B 36 -0.40 -17.26 -9.65
C ILE B 36 0.38 -16.53 -10.73
N SER B 37 1.69 -16.73 -10.75
CA SER B 37 2.47 -16.09 -11.79
C SER B 37 3.52 -17.08 -12.30
N ALA B 38 3.96 -16.86 -13.53
CA ALA B 38 5.00 -17.69 -14.13
C ALA B 38 5.87 -16.78 -14.98
N LYS B 39 7.17 -17.06 -15.01
CA LYS B 39 8.09 -16.27 -15.79
C LYS B 39 7.96 -16.51 -17.28
N VAL B 40 7.79 -15.43 -18.03
CA VAL B 40 7.68 -15.52 -19.48
C VAL B 40 9.05 -15.29 -20.12
N SER B 41 9.73 -14.24 -19.70
CA SER B 41 11.06 -13.94 -20.24
C SER B 41 11.95 -13.27 -19.21
N GLU B 42 13.18 -13.00 -19.62
CA GLU B 42 14.15 -12.35 -18.74
C GLU B 42 13.59 -11.02 -18.27
N GLU B 43 12.61 -10.48 -19.01
CA GLU B 43 12.01 -9.20 -18.67
C GLU B 43 10.48 -9.16 -18.54
N TYR B 44 9.83 -10.31 -18.60
CA TYR B 44 8.38 -10.34 -18.49
C TYR B 44 7.81 -11.50 -17.67
N ILE B 45 6.76 -11.20 -16.92
CA ILE B 45 6.09 -12.18 -16.08
C ILE B 45 4.59 -12.20 -16.36
N ALA B 46 4.02 -13.39 -16.44
CA ALA B 46 2.59 -13.55 -16.67
C ALA B 46 1.98 -13.71 -15.29
N ILE B 47 0.90 -12.99 -15.02
CA ILE B 47 0.27 -13.11 -13.72
C ILE B 47 -1.22 -13.07 -13.84
N THR B 48 -1.87 -13.73 -12.89
CA THR B 48 -3.31 -13.84 -12.86
C THR B 48 -3.94 -12.55 -12.33
N ALA B 49 -5.12 -12.17 -12.85
CA ALA B 49 -5.80 -10.96 -12.39
C ALA B 49 -6.30 -11.21 -10.97
N SER B 50 -6.09 -10.24 -10.10
CA SER B 50 -6.48 -10.37 -8.71
C SER B 50 -7.97 -10.63 -8.49
N GLY B 51 -8.83 -9.98 -9.27
CA GLY B 51 -10.26 -10.18 -9.08
C GLY B 51 -10.88 -11.39 -9.72
N LYS B 52 -10.09 -12.27 -10.33
CA LYS B 52 -10.66 -13.44 -10.99
C LYS B 52 -10.52 -14.72 -10.16
N HIS B 53 -11.54 -15.55 -10.21
CA HIS B 53 -11.47 -16.79 -9.47
C HIS B 53 -10.42 -17.63 -10.18
N LYS B 54 -9.40 -18.04 -9.43
CA LYS B 54 -8.30 -18.83 -9.97
C LYS B 54 -8.68 -20.20 -10.54
N GLY B 55 -9.84 -20.73 -10.14
CA GLY B 55 -10.25 -22.03 -10.64
C GLY B 55 -11.12 -21.95 -11.89
N LYS B 56 -11.23 -20.76 -12.46
CA LYS B 56 -12.06 -20.58 -13.65
C LYS B 56 -11.34 -19.63 -14.61
N LEU B 57 -10.03 -19.65 -14.55
CA LEU B 57 -9.22 -18.78 -15.37
C LEU B 57 -9.38 -18.97 -16.85
N THR B 58 -9.23 -17.85 -17.56
CA THR B 58 -9.35 -17.79 -19.00
C THR B 58 -8.21 -16.92 -19.51
N PRO B 59 -7.83 -17.09 -20.78
CA PRO B 59 -6.74 -16.28 -21.30
C PRO B 59 -6.82 -14.79 -20.96
N GLU B 60 -8.00 -14.19 -21.11
CA GLU B 60 -8.15 -12.77 -20.81
C GLU B 60 -7.97 -12.40 -19.34
N ASP B 61 -7.76 -13.41 -18.49
CA ASP B 61 -7.58 -13.18 -17.05
C ASP B 61 -6.10 -13.17 -16.67
N ILE B 62 -5.24 -13.43 -17.64
CA ILE B 62 -3.81 -13.45 -17.39
C ILE B 62 -3.22 -12.15 -17.92
N LEU B 63 -2.35 -11.53 -17.13
CA LEU B 63 -1.74 -10.26 -17.52
C LEU B 63 -0.23 -10.39 -17.61
N LEU B 64 0.36 -9.61 -18.51
CA LEU B 64 1.81 -9.63 -18.69
C LEU B 64 2.34 -8.37 -18.01
N ILE B 65 3.33 -8.54 -17.14
CA ILE B 65 3.93 -7.41 -16.42
C ILE B 65 5.45 -7.51 -16.51
N ASP B 66 6.13 -6.43 -16.16
CA ASP B 66 7.59 -6.41 -16.19
C ASP B 66 8.08 -6.72 -14.77
N TYR B 67 9.40 -6.72 -14.57
CA TYR B 67 9.94 -7.03 -13.25
C TYR B 67 9.70 -5.97 -12.18
N GLU B 68 9.06 -4.87 -12.58
CA GLU B 68 8.77 -3.81 -11.63
C GLU B 68 7.31 -3.88 -11.20
N GLY B 69 6.59 -4.86 -11.73
CA GLY B 69 5.19 -5.02 -11.39
C GLY B 69 4.27 -4.25 -12.32
N ARG B 70 4.84 -3.68 -13.37
CA ARG B 70 4.09 -2.88 -14.31
C ARG B 70 3.54 -3.66 -15.52
N PRO B 71 2.30 -3.36 -15.93
CA PRO B 71 1.74 -4.06 -17.09
C PRO B 71 2.44 -3.56 -18.35
N VAL B 72 2.86 -4.47 -19.21
CA VAL B 72 3.56 -4.09 -20.45
C VAL B 72 2.97 -2.85 -21.11
N GLY B 73 1.65 -2.82 -21.24
CA GLY B 73 1.00 -1.67 -21.87
C GLY B 73 1.01 -0.45 -20.96
N GLY B 74 2.02 -0.38 -20.10
CA GLY B 74 2.14 0.73 -19.18
C GLY B 74 1.03 0.73 -18.15
N GLY B 75 1.29 1.24 -16.96
CA GLY B 75 0.24 1.27 -15.95
C GLY B 75 0.71 1.29 -14.52
N LYS B 76 -0.26 1.26 -13.61
CA LYS B 76 0.00 1.28 -12.18
C LYS B 76 0.24 -0.13 -11.65
N PRO B 77 1.33 -0.32 -10.90
CA PRO B 77 1.57 -1.67 -10.37
C PRO B 77 0.52 -1.93 -9.30
N SER B 78 0.48 -3.14 -8.77
CA SER B 78 -0.47 -3.50 -7.73
C SER B 78 0.30 -4.18 -6.63
N ALA B 79 -0.31 -4.31 -5.47
CA ALA B 79 0.34 -4.96 -4.35
C ALA B 79 0.83 -6.34 -4.77
N GLU B 80 -0.06 -7.10 -5.40
CA GLU B 80 0.27 -8.47 -5.85
C GLU B 80 1.39 -8.44 -6.88
N THR B 81 1.21 -7.62 -7.90
CA THR B 81 2.22 -7.52 -8.94
C THR B 81 3.58 -7.16 -8.32
N LEU B 82 3.56 -6.44 -7.20
CA LEU B 82 4.79 -6.04 -6.53
C LEU B 82 5.41 -7.17 -5.73
N LEU B 83 4.58 -7.85 -4.94
CA LEU B 83 5.06 -8.94 -4.12
C LEU B 83 5.63 -10.06 -4.99
N HIS B 84 4.96 -10.37 -6.09
CA HIS B 84 5.45 -11.42 -6.97
C HIS B 84 6.82 -11.10 -7.56
N THR B 85 6.96 -9.89 -8.12
CA THR B 85 8.24 -9.50 -8.71
C THR B 85 9.40 -9.54 -7.70
N THR B 86 9.14 -9.20 -6.44
CA THR B 86 10.25 -9.24 -5.49
C THR B 86 10.73 -10.69 -5.31
N VAL B 87 9.80 -11.65 -5.37
CA VAL B 87 10.19 -13.04 -5.22
C VAL B 87 11.13 -13.36 -6.37
N TYR B 88 10.70 -13.02 -7.58
CA TYR B 88 11.51 -13.26 -8.76
C TYR B 88 12.86 -12.55 -8.60
N LYS B 89 12.83 -11.29 -8.15
CA LYS B 89 14.08 -10.57 -7.97
C LYS B 89 14.97 -11.16 -6.87
N LEU B 90 14.38 -11.83 -5.88
CA LEU B 90 15.19 -12.43 -4.83
C LEU B 90 15.80 -13.75 -5.25
N PHE B 91 15.07 -14.51 -6.06
CA PHE B 91 15.52 -15.81 -6.51
C PHE B 91 15.51 -15.95 -8.03
N PRO B 92 16.67 -15.73 -8.66
CA PRO B 92 16.82 -15.81 -10.11
C PRO B 92 16.39 -17.16 -10.71
N GLU B 93 16.50 -18.22 -9.91
CA GLU B 93 16.14 -19.57 -10.38
C GLU B 93 14.64 -19.86 -10.42
N VAL B 94 13.85 -19.06 -9.71
CA VAL B 94 12.41 -19.23 -9.67
C VAL B 94 11.71 -18.78 -10.94
N ASN B 95 10.76 -19.60 -11.41
CA ASN B 95 10.00 -19.29 -12.62
C ASN B 95 8.51 -19.34 -12.38
N ALA B 96 8.12 -19.62 -11.15
CA ALA B 96 6.72 -19.69 -10.82
C ALA B 96 6.47 -19.32 -9.38
N VAL B 97 5.47 -18.49 -9.16
CA VAL B 97 5.11 -18.05 -7.82
C VAL B 97 3.64 -18.34 -7.55
N VAL B 98 3.38 -18.97 -6.43
CA VAL B 98 2.03 -19.34 -6.07
C VAL B 98 1.62 -18.78 -4.75
N HIS B 99 0.49 -18.10 -4.76
CA HIS B 99 -0.08 -17.50 -3.57
C HIS B 99 -1.43 -18.13 -3.30
N THR B 100 -1.54 -18.85 -2.18
CA THR B 100 -2.78 -19.47 -1.80
C THR B 100 -3.36 -18.80 -0.57
N HIS B 101 -4.66 -18.98 -0.38
CA HIS B 101 -5.39 -18.38 0.73
C HIS B 101 -6.33 -19.42 1.33
N SER B 102 -5.75 -20.46 1.92
CA SER B 102 -6.54 -21.53 2.53
C SER B 102 -7.11 -21.16 3.89
N PRO B 103 -8.19 -21.83 4.31
CA PRO B 103 -8.79 -21.55 5.61
C PRO B 103 -7.73 -21.68 6.71
N ASN B 104 -6.94 -22.75 6.62
CA ASN B 104 -5.89 -23.01 7.61
C ASN B 104 -4.90 -21.87 7.71
N ALA B 105 -4.43 -21.40 6.56
CA ALA B 105 -3.46 -20.32 6.49
C ALA B 105 -4.01 -19.04 7.09
N THR B 106 -5.28 -18.76 6.80
CA THR B 106 -5.89 -17.56 7.33
C THR B 106 -5.87 -17.66 8.86
N VAL B 107 -6.40 -18.77 9.38
CA VAL B 107 -6.44 -19.00 10.81
C VAL B 107 -5.06 -18.93 11.45
N ILE B 108 -4.10 -19.65 10.88
CA ILE B 108 -2.76 -19.62 11.42
C ILE B 108 -2.26 -18.18 11.50
N SER B 109 -2.36 -17.46 10.39
CA SER B 109 -1.89 -16.08 10.35
C SER B 109 -2.66 -15.18 11.32
N ILE B 110 -3.61 -15.76 12.04
CA ILE B 110 -4.39 -14.98 13.00
C ILE B 110 -4.10 -15.39 14.43
N VAL B 111 -4.00 -16.68 14.70
CA VAL B 111 -3.77 -17.15 16.06
C VAL B 111 -2.31 -17.42 16.42
N GLU B 112 -1.44 -17.52 15.41
CA GLU B 112 -0.04 -17.78 15.68
C GLU B 112 0.56 -16.59 16.42
N LYS B 113 0.97 -16.83 17.67
CA LYS B 113 1.55 -15.79 18.51
C LYS B 113 2.91 -15.35 17.97
N LYS B 114 3.78 -16.32 17.66
CA LYS B 114 5.09 -16.02 17.13
C LYS B 114 4.96 -15.52 15.69
N ASP B 115 6.04 -15.01 15.11
CA ASP B 115 5.94 -14.53 13.73
C ASP B 115 6.64 -15.49 12.77
N PHE B 116 6.35 -16.77 12.96
CA PHE B 116 6.87 -17.81 12.11
C PHE B 116 6.28 -19.13 12.54
N VAL B 117 6.12 -20.03 11.58
CA VAL B 117 5.59 -21.36 11.83
C VAL B 117 6.73 -22.30 11.55
N GLU B 118 6.83 -23.36 12.33
CA GLU B 118 7.92 -24.30 12.19
C GLU B 118 7.43 -25.74 12.43
N LEU B 119 8.14 -26.71 11.86
CA LEU B 119 7.77 -28.10 12.02
C LEU B 119 8.90 -29.05 11.62
N GLU B 120 9.21 -30.00 12.51
CA GLU B 120 10.25 -30.98 12.26
C GLU B 120 9.61 -32.13 11.49
N ASP B 121 10.00 -32.29 10.22
CA ASP B 121 9.43 -33.35 9.38
C ASP B 121 10.35 -33.66 8.20
N TYR B 122 11.34 -34.51 8.45
CA TYR B 122 12.29 -34.86 7.40
C TYR B 122 11.58 -35.27 6.12
N GLU B 123 10.51 -36.02 6.28
CA GLU B 123 9.74 -36.50 5.16
C GLU B 123 9.46 -35.39 4.14
N LEU B 124 9.00 -34.24 4.62
CA LEU B 124 8.69 -33.12 3.74
C LEU B 124 9.91 -32.47 3.07
N LEU B 125 11.07 -32.58 3.71
CA LEU B 125 12.28 -31.99 3.14
C LEU B 125 12.54 -32.45 1.72
N LYS B 126 12.11 -33.67 1.39
CA LYS B 126 12.29 -34.23 0.05
C LYS B 126 11.59 -33.32 -0.96
N ALA B 127 10.59 -32.57 -0.51
CA ALA B 127 9.86 -31.65 -1.37
C ALA B 127 10.76 -30.47 -1.77
N PHE B 128 11.76 -30.19 -0.95
CA PHE B 128 12.69 -29.09 -1.22
C PHE B 128 14.10 -29.65 -1.42
N PRO B 129 14.36 -30.24 -2.61
CA PRO B 129 15.67 -30.82 -2.95
C PRO B 129 16.86 -29.87 -2.87
N ASP B 130 16.95 -28.94 -3.80
CA ASP B 130 18.06 -27.98 -3.83
C ASP B 130 18.02 -26.93 -2.71
N ILE B 131 18.48 -27.33 -1.53
CA ILE B 131 18.52 -26.43 -0.37
C ILE B 131 19.77 -26.67 0.46
N HIS B 132 20.42 -25.58 0.88
CA HIS B 132 21.64 -25.64 1.66
C HIS B 132 21.44 -25.26 3.12
N THR B 133 20.29 -25.61 3.69
CA THR B 133 20.00 -25.28 5.07
C THR B 133 20.89 -26.03 6.05
N HIS B 134 21.16 -25.40 7.19
CA HIS B 134 21.99 -26.01 8.24
C HIS B 134 21.04 -26.57 9.30
N GLU B 135 19.74 -26.40 9.08
CA GLU B 135 18.72 -26.88 10.00
C GLU B 135 17.73 -27.82 9.32
N VAL B 136 16.96 -28.54 10.12
CA VAL B 136 15.99 -29.49 9.58
C VAL B 136 14.54 -29.03 9.67
N LYS B 137 14.21 -28.27 10.71
CA LYS B 137 12.85 -27.77 10.88
C LYS B 137 12.42 -26.90 9.70
N ILE B 138 11.41 -27.33 8.96
CA ILE B 138 10.93 -26.52 7.85
C ILE B 138 10.32 -25.31 8.53
N LYS B 139 10.75 -24.12 8.12
CA LYS B 139 10.30 -22.89 8.71
C LYS B 139 9.56 -21.98 7.74
N ILE B 140 8.48 -21.38 8.22
CA ILE B 140 7.73 -20.46 7.39
C ILE B 140 7.57 -19.16 8.13
N PRO B 141 8.35 -18.14 7.75
CA PRO B 141 8.28 -16.84 8.40
C PRO B 141 6.94 -16.13 8.15
N ILE B 142 6.43 -15.50 9.20
CA ILE B 142 5.16 -14.78 9.11
C ILE B 142 5.38 -13.27 9.11
N PHE B 143 4.93 -12.60 8.07
CA PHE B 143 5.07 -11.15 7.97
C PHE B 143 3.80 -10.42 8.37
N PRO B 144 3.93 -9.16 8.83
CA PRO B 144 2.82 -8.30 9.26
C PRO B 144 1.89 -7.93 8.12
N ASN B 145 0.64 -7.65 8.45
CA ASN B 145 -0.34 -7.23 7.46
C ASN B 145 -0.06 -5.77 7.12
N GLU B 146 1.16 -5.53 6.63
CA GLU B 146 1.62 -4.20 6.24
C GLU B 146 0.84 -3.60 5.06
N GLN B 147 0.18 -2.47 5.27
CA GLN B 147 -0.58 -1.83 4.18
C GLN B 147 0.31 -1.15 3.14
N ASN B 148 1.57 -0.90 3.48
CA ASN B 148 2.50 -0.29 2.54
C ASN B 148 3.39 -1.36 1.90
N ILE B 149 2.96 -1.86 0.76
CA ILE B 149 3.67 -2.93 0.05
C ILE B 149 5.17 -2.79 -0.19
N PRO B 150 5.62 -1.64 -0.70
CA PRO B 150 7.07 -1.52 -0.93
C PRO B 150 7.89 -1.77 0.33
N LEU B 151 7.30 -1.50 1.49
CA LEU B 151 7.97 -1.73 2.77
C LEU B 151 8.01 -3.23 3.06
N LEU B 152 6.83 -3.84 3.01
CA LEU B 152 6.67 -5.28 3.23
C LEU B 152 7.63 -5.99 2.28
N ALA B 153 7.69 -5.50 1.05
CA ALA B 153 8.58 -6.06 0.05
C ALA B 153 10.00 -6.08 0.60
N LYS B 154 10.44 -4.94 1.11
CA LYS B 154 11.78 -4.84 1.65
C LYS B 154 12.00 -5.69 2.89
N GLU B 155 11.00 -5.80 3.76
CA GLU B 155 11.17 -6.65 4.94
C GLU B 155 11.37 -8.08 4.45
N VAL B 156 10.67 -8.44 3.39
CA VAL B 156 10.75 -9.78 2.82
C VAL B 156 12.12 -10.04 2.21
N GLU B 157 12.58 -9.10 1.39
CA GLU B 157 13.88 -9.25 0.75
C GLU B 157 14.98 -9.23 1.81
N ASN B 158 14.76 -8.44 2.86
CA ASN B 158 15.75 -8.37 3.92
C ASN B 158 15.86 -9.74 4.60
N TYR B 159 14.71 -10.36 4.83
CA TYR B 159 14.66 -11.66 5.48
C TYR B 159 15.36 -12.76 4.68
N PHE B 160 14.93 -12.97 3.45
CA PHE B 160 15.52 -14.03 2.64
C PHE B 160 16.94 -13.76 2.16
N LYS B 161 17.37 -12.50 2.23
CA LYS B 161 18.73 -12.21 1.80
C LYS B 161 19.68 -12.38 2.98
N THR B 162 19.10 -12.64 4.15
CA THR B 162 19.90 -12.82 5.36
C THR B 162 19.44 -14.03 6.16
N SER B 163 18.63 -14.88 5.54
CA SER B 163 18.13 -16.07 6.23
C SER B 163 18.31 -17.27 5.32
N GLU B 164 18.56 -18.42 5.91
CA GLU B 164 18.77 -19.64 5.15
C GLU B 164 17.49 -20.26 4.62
N ASP B 165 16.50 -20.44 5.48
CA ASP B 165 15.24 -21.04 5.05
C ASP B 165 14.66 -20.23 3.90
N LYS B 166 14.26 -20.91 2.84
CA LYS B 166 13.66 -20.25 1.68
C LYS B 166 12.47 -21.08 1.19
N TYR B 167 11.73 -21.65 2.12
CA TYR B 167 10.57 -22.47 1.80
C TYR B 167 9.40 -21.68 1.21
N GLY B 168 9.11 -20.53 1.80
CA GLY B 168 8.02 -19.68 1.36
C GLY B 168 7.71 -18.73 2.49
N PHE B 169 6.63 -17.96 2.38
CA PHE B 169 6.28 -17.04 3.46
C PHE B 169 4.80 -16.77 3.56
N LEU B 170 4.39 -16.35 4.76
CA LEU B 170 3.00 -16.04 5.04
C LEU B 170 2.83 -14.56 5.40
N ILE B 171 1.77 -13.96 4.89
CA ILE B 171 1.44 -12.58 5.16
C ILE B 171 0.10 -12.60 5.89
N ARG B 172 0.12 -12.21 7.16
CA ARG B 172 -1.10 -12.20 7.97
C ARG B 172 -2.24 -11.55 7.19
N GLY B 173 -3.37 -12.26 7.13
CA GLY B 173 -4.52 -11.72 6.43
C GLY B 173 -4.40 -11.66 4.91
N HIS B 174 -3.31 -12.18 4.35
CA HIS B 174 -3.14 -12.14 2.90
C HIS B 174 -2.99 -13.56 2.34
N GLY B 175 -2.15 -14.38 2.98
CA GLY B 175 -1.96 -15.74 2.53
C GLY B 175 -0.53 -16.25 2.41
N LEU B 176 -0.39 -17.49 1.97
CA LEU B 176 0.89 -18.14 1.79
C LEU B 176 1.52 -17.86 0.44
N TYR B 177 2.84 -17.80 0.41
CA TYR B 177 3.57 -17.60 -0.83
C TYR B 177 4.66 -18.68 -0.94
N THR B 178 4.75 -19.33 -2.11
CA THR B 178 5.78 -20.32 -2.33
C THR B 178 6.23 -20.03 -3.73
N TRP B 179 7.26 -20.74 -4.18
CA TRP B 179 7.81 -20.53 -5.52
C TRP B 179 8.65 -21.74 -5.93
N GLY B 180 8.94 -21.82 -7.22
CA GLY B 180 9.74 -22.91 -7.72
C GLY B 180 10.37 -22.62 -9.06
N ARG B 181 11.26 -23.51 -9.50
CA ARG B 181 11.92 -23.36 -10.78
C ARG B 181 10.94 -23.74 -11.88
N SER B 182 9.87 -24.44 -11.49
CA SER B 182 8.79 -24.87 -12.39
C SER B 182 7.47 -24.74 -11.62
N MSE B 183 6.38 -24.54 -12.34
CA MSE B 183 5.07 -24.44 -11.68
C MSE B 183 4.86 -25.68 -10.80
O MSE B 183 4.34 -25.59 -9.68
CB MSE B 183 3.96 -24.33 -12.72
CG MSE B 183 2.58 -24.31 -12.14
SE MSE B 183 2.42 -22.61 -11.12
CE MSE B 183 2.42 -21.34 -12.66
N GLU B 184 5.30 -26.83 -11.29
CA GLU B 184 5.12 -28.06 -10.55
C GLU B 184 5.83 -28.04 -9.21
N GLU B 185 7.07 -27.57 -9.22
CA GLU B 185 7.81 -27.51 -7.98
C GLU B 185 7.09 -26.54 -7.04
N ALA B 186 6.60 -25.44 -7.61
CA ALA B 186 5.87 -24.45 -6.83
C ALA B 186 4.63 -25.10 -6.20
N LEU B 187 3.90 -25.87 -7.00
CA LEU B 187 2.69 -26.50 -6.47
C LEU B 187 3.03 -27.50 -5.38
N ILE B 188 4.15 -28.20 -5.56
CA ILE B 188 4.57 -29.19 -4.57
C ILE B 188 4.92 -28.52 -3.25
N HIS B 189 5.61 -27.39 -3.35
CA HIS B 189 5.99 -26.65 -2.14
C HIS B 189 4.73 -26.18 -1.44
N THR B 190 3.79 -25.65 -2.21
CA THR B 190 2.54 -25.18 -1.67
C THR B 190 1.90 -26.33 -0.88
N GLU B 191 1.90 -27.51 -1.48
CA GLU B 191 1.30 -28.65 -0.81
C GLU B 191 2.02 -28.94 0.49
N ALA B 192 3.35 -28.91 0.45
CA ALA B 192 4.15 -29.18 1.64
C ALA B 192 3.78 -28.21 2.75
N LEU B 193 3.83 -26.93 2.45
CA LEU B 193 3.52 -25.91 3.44
C LEU B 193 2.07 -25.97 3.92
N GLU B 194 1.13 -26.23 3.01
CA GLU B 194 -0.28 -26.32 3.40
C GLU B 194 -0.47 -27.47 4.37
N PHE B 195 0.30 -28.54 4.16
CA PHE B 195 0.28 -29.71 5.01
C PHE B 195 0.69 -29.28 6.44
N ILE B 196 1.79 -28.51 6.51
CA ILE B 196 2.31 -28.05 7.79
C ILE B 196 1.32 -27.18 8.55
N PHE B 197 0.53 -26.39 7.83
CA PHE B 197 -0.44 -25.56 8.51
C PHE B 197 -1.46 -26.47 9.14
N GLU B 198 -1.88 -27.50 8.41
CA GLU B 198 -2.85 -28.46 8.92
C GLU B 198 -2.37 -29.07 10.23
N CYS B 199 -1.13 -29.55 10.25
CA CYS B 199 -0.58 -30.16 11.46
C CYS B 199 -0.42 -29.15 12.57
N GLU B 200 0.34 -28.09 12.31
CA GLU B 200 0.58 -27.05 13.30
C GLU B 200 -0.75 -26.59 13.88
N LEU B 201 -1.74 -26.41 13.03
CA LEU B 201 -3.03 -25.97 13.49
C LEU B 201 -3.67 -27.06 14.34
N LYS B 202 -3.81 -28.25 13.78
CA LYS B 202 -4.43 -29.35 14.50
C LYS B 202 -3.66 -29.66 15.78
N LEU B 203 -2.36 -29.39 15.78
CA LEU B 203 -1.56 -29.64 16.96
C LEU B 203 -1.92 -28.67 18.07
N LEU B 204 -2.78 -27.72 17.76
CA LEU B 204 -3.18 -26.75 18.77
C LEU B 204 -4.66 -26.87 19.09
N SER B 205 -5.12 -28.11 19.16
CA SER B 205 -6.48 -28.42 19.52
C SER B 205 -6.23 -29.30 20.74
N PHE B 206 -5.00 -29.19 21.22
CA PHE B 206 -4.50 -29.91 22.37
C PHE B 206 -3.28 -29.14 22.89
CL CL C . 1.79 32.19 -14.74
C1 BME D . 6.98 27.07 7.85
C2 BME D . 6.01 26.35 6.90
O1 BME D . 7.65 26.12 8.66
S2 BME D . 5.14 27.55 5.87
CL CL E . -9.46 -28.88 15.21
C1 BME F . -4.77 -7.53 -10.73
C2 BME F . -3.51 -8.20 -11.23
O1 BME F . -5.37 -6.80 -11.79
S2 BME F . -2.73 -9.15 -9.89
#